data_4FIF
#
_entry.id   4FIF
#
_cell.length_a   141.411
_cell.length_b   141.411
_cell.length_c   61.624
_cell.angle_alpha   90.00
_cell.angle_beta   90.00
_cell.angle_gamma   120.00
#
_symmetry.space_group_name_H-M   'P 3'
#
loop_
_entity.id
_entity.type
_entity.pdbx_description
1 polymer 'Serine/threonine-protein kinase PAK 4'
2 polymer 'Serine/threonine-protein kinase PAK 4'
3 non-polymer 'PHOSPHOAMINOPHOSPHONIC ACID-ADENYLATE ESTER'
4 water water
#
loop_
_entity_poly.entity_id
_entity_poly.type
_entity_poly.pdbx_seq_one_letter_code
_entity_poly.pdbx_strand_id
1 'polypeptide(L)'
;MGSSHHHHHHSSGLVPRGSHMENLYFQGARARQENGMPEKPPGPRSPQREPQRVSHEQFRAALQLVVDPGDPRSYLDNFI
KIGEGSTGIVCIATVRSSGKLVAVKKMDLRKQQRRELLFNEVVIMRDYQHENVVEMYNSYLVGDELWVVMEFLEGGALTD
IVTHTRMNEEQIAAVCLAVLQALSVLHAQGVIHRDIKSDSILLTHDGRVKLSDFGFCAQVSKEVPRRK(SEP)LVGTPYW
MAPELISRLPYGPEVDIWSLGIMVIEMVDGEPPYFNEPPLKAMKMIRDNLPPRLKNLHKVSPSLKGFLDRLLVRDPAQRA
TAAELLKHPFLAKAGPPASIVPLMRQNRTR
;
A,B
2 'polypeptide(L)' RPKPLVDP C,D
#
loop_
_chem_comp.id
_chem_comp.type
_chem_comp.name
_chem_comp.formula
ANP non-polymer 'PHOSPHOAMINOPHOSPHONIC ACID-ADENYLATE ESTER' 'C10 H17 N6 O12 P3'
#
# COMPACT_ATOMS: atom_id res chain seq x y z
N PRO A 51 5.04 -6.71 -19.01
CA PRO A 51 5.52 -5.53 -19.73
C PRO A 51 6.16 -4.51 -18.78
N GLN A 52 7.02 -3.65 -19.32
CA GLN A 52 7.75 -2.65 -18.52
C GLN A 52 6.85 -1.48 -18.10
N ARG A 53 6.07 -0.98 -19.06
CA ARG A 53 5.16 0.16 -18.82
C ARG A 53 4.04 -0.20 -17.85
N VAL A 54 3.35 -1.31 -18.11
CA VAL A 54 2.27 -1.80 -17.26
C VAL A 54 2.75 -2.01 -15.82
N SER A 55 3.95 -2.58 -15.66
CA SER A 55 4.53 -2.82 -14.35
C SER A 55 4.93 -1.53 -13.63
N HIS A 56 5.47 -0.57 -14.37
CA HIS A 56 5.94 0.69 -13.80
C HIS A 56 4.81 1.60 -13.40
N GLU A 57 3.91 1.88 -14.34
CA GLU A 57 2.79 2.79 -14.13
C GLU A 57 1.90 2.35 -12.98
N GLN A 58 1.61 1.05 -12.93
CA GLN A 58 0.83 0.46 -11.85
C GLN A 58 1.54 0.65 -10.50
N PHE A 59 2.86 0.44 -10.50
CA PHE A 59 3.66 0.60 -9.28
C PHE A 59 3.71 2.05 -8.80
N ARG A 60 3.85 2.97 -9.75
CA ARG A 60 3.88 4.39 -9.43
C ARG A 60 2.56 4.84 -8.81
N ALA A 61 1.46 4.33 -9.34
CA ALA A 61 0.12 4.66 -8.87
C ALA A 61 -0.15 4.10 -7.47
N ALA A 62 0.37 2.91 -7.22
CA ALA A 62 0.28 2.29 -5.89
C ALA A 62 1.03 3.16 -4.85
N LEU A 63 2.27 3.51 -5.17
CA LEU A 63 3.07 4.40 -4.32
C LEU A 63 2.38 5.73 -4.07
N GLN A 64 1.84 6.32 -5.14
CA GLN A 64 1.15 7.61 -5.04
C GLN A 64 0.08 7.62 -3.95
N LEU A 65 -0.67 6.52 -3.84
CA LEU A 65 -1.68 6.35 -2.81
C LEU A 65 -1.04 6.13 -1.42
N VAL A 66 0.08 5.42 -1.39
CA VAL A 66 0.76 5.10 -0.14
C VAL A 66 1.42 6.32 0.52
N VAL A 67 2.06 7.15 -0.29
CA VAL A 67 2.75 8.36 0.20
C VAL A 67 1.79 9.52 0.48
N ASP A 68 2.33 10.63 1.00
CA ASP A 68 1.58 11.86 1.17
C ASP A 68 1.47 12.58 -0.17
N PRO A 69 0.37 13.32 -0.38
CA PRO A 69 0.26 14.09 -1.64
C PRO A 69 1.14 15.35 -1.65
N GLY A 70 1.35 15.90 -2.83
CA GLY A 70 2.06 17.17 -3.00
C GLY A 70 3.54 17.04 -3.28
N ASP A 71 4.24 18.18 -3.18
CA ASP A 71 5.68 18.27 -3.41
C ASP A 71 6.34 18.94 -2.21
N PRO A 72 7.38 18.31 -1.64
CA PRO A 72 8.06 18.87 -0.46
C PRO A 72 8.80 20.19 -0.73
N ARG A 73 9.11 20.46 -1.99
CA ARG A 73 9.76 21.72 -2.37
C ARG A 73 8.89 22.94 -2.06
N SER A 74 7.60 22.72 -1.84
CA SER A 74 6.69 23.77 -1.40
C SER A 74 6.97 24.26 0.01
N TYR A 75 7.77 23.52 0.77
CA TYR A 75 8.20 23.98 2.09
C TYR A 75 9.69 23.79 2.40
N LEU A 76 10.44 23.25 1.45
CA LEU A 76 11.87 22.99 1.64
C LEU A 76 12.78 23.70 0.64
N ASP A 77 13.87 24.27 1.16
CA ASP A 77 14.90 24.91 0.35
C ASP A 77 16.21 24.13 0.40
N ASN A 78 17.20 24.60 -0.37
CA ASN A 78 18.59 24.15 -0.29
C ASN A 78 18.80 22.65 -0.32
N PHE A 79 18.26 22.01 -1.36
CA PHE A 79 18.48 20.58 -1.58
C PHE A 79 19.92 20.38 -2.04
N ILE A 80 20.72 19.74 -1.18
CA ILE A 80 22.13 19.51 -1.46
C ILE A 80 22.48 18.07 -1.11
N LYS A 81 23.04 17.35 -2.09
CA LYS A 81 23.47 15.97 -1.91
C LYS A 81 24.56 15.86 -0.85
N ILE A 82 24.38 14.91 0.06
CA ILE A 82 25.35 14.64 1.12
C ILE A 82 25.86 13.21 1.10
N GLY A 83 25.17 12.34 0.38
CA GLY A 83 25.58 10.94 0.27
C GLY A 83 24.78 10.16 -0.74
N GLU A 84 25.30 8.99 -1.11
CA GLU A 84 24.60 8.06 -1.99
C GLU A 84 24.67 6.63 -1.44
N GLY A 85 23.65 5.84 -1.74
CA GLY A 85 23.61 4.45 -1.30
C GLY A 85 23.30 3.50 -2.44
N SER A 86 22.48 2.50 -2.14
CA SER A 86 22.12 1.47 -3.11
C SER A 86 20.86 1.84 -3.90
N THR A 87 19.83 2.27 -3.18
CA THR A 87 18.53 2.59 -3.78
C THR A 87 18.47 3.99 -4.37
N GLY A 88 19.31 4.89 -3.87
CA GLY A 88 19.35 6.27 -4.37
C GLY A 88 20.26 7.17 -3.54
N ILE A 89 20.08 8.48 -3.69
CA ILE A 89 20.92 9.47 -3.01
C ILE A 89 20.24 10.10 -1.79
N VAL A 90 21.02 10.77 -0.96
CA VAL A 90 20.53 11.44 0.24
C VAL A 90 20.96 12.91 0.26
N CYS A 91 20.01 13.80 0.56
CA CYS A 91 20.25 15.23 0.60
C CYS A 91 19.89 15.81 1.97
N ILE A 92 20.45 16.98 2.27
CA ILE A 92 19.90 17.82 3.34
C ILE A 92 19.02 18.90 2.73
N ALA A 93 18.07 19.40 3.51
CA ALA A 93 17.20 20.49 3.08
C ALA A 93 16.83 21.36 4.27
N THR A 94 16.37 22.57 3.97
CA THR A 94 16.01 23.55 4.98
C THR A 94 14.51 23.75 4.98
N VAL A 95 13.90 23.71 6.17
CA VAL A 95 12.49 24.08 6.31
C VAL A 95 12.42 25.60 6.22
N ARG A 96 11.75 26.08 5.17
CA ARG A 96 11.73 27.51 4.83
C ARG A 96 11.30 28.41 5.99
N SER A 97 10.28 27.98 6.73
CA SER A 97 9.75 28.76 7.86
C SER A 97 10.70 28.76 9.06
N SER A 98 11.05 27.58 9.57
CA SER A 98 11.88 27.46 10.78
C SER A 98 13.36 27.70 10.51
N GLY A 99 13.90 27.02 9.50
CA GLY A 99 15.33 27.03 9.23
C GLY A 99 15.99 25.75 9.70
N LYS A 100 15.17 24.80 10.15
CA LYS A 100 15.67 23.52 10.64
C LYS A 100 16.00 22.55 9.50
N LEU A 101 17.08 21.80 9.71
CA LEU A 101 17.56 20.85 8.71
C LEU A 101 16.86 19.51 8.79
N VAL A 102 16.63 18.90 7.64
CA VAL A 102 16.07 17.56 7.53
C VAL A 102 16.84 16.78 6.47
N ALA A 103 16.66 15.47 6.44
CA ALA A 103 17.26 14.64 5.40
C ALA A 103 16.19 14.21 4.39
N VAL A 104 16.58 14.12 3.13
CA VAL A 104 15.66 13.70 2.06
C VAL A 104 16.31 12.62 1.21
N LYS A 105 15.71 11.43 1.22
CA LYS A 105 16.20 10.32 0.42
C LYS A 105 15.43 10.24 -0.89
N LYS A 106 16.15 10.39 -2.00
CA LYS A 106 15.55 10.32 -3.32
C LYS A 106 15.91 9.00 -3.99
N MET A 107 14.89 8.29 -4.43
CA MET A 107 15.08 6.98 -5.06
C MET A 107 14.32 6.87 -6.38
N ASP A 108 15.04 6.53 -7.45
CA ASP A 108 14.45 6.36 -8.78
C ASP A 108 13.72 5.02 -8.87
N LEU A 109 12.44 5.08 -9.21
CA LEU A 109 11.59 3.90 -9.38
C LEU A 109 12.07 3.00 -10.52
N ARG A 110 12.60 3.62 -11.57
CA ARG A 110 13.06 2.90 -12.76
C ARG A 110 14.40 2.19 -12.54
N LYS A 111 15.12 2.60 -11.50
CA LYS A 111 16.47 2.09 -11.26
C LYS A 111 16.61 1.21 -10.02
N GLN A 112 15.62 0.37 -9.77
CA GLN A 112 15.67 -0.59 -8.66
C GLN A 112 15.70 -2.02 -9.17
N GLN A 113 16.45 -2.87 -8.48
CA GLN A 113 16.55 -4.29 -8.81
C GLN A 113 15.24 -5.02 -8.51
N ARG A 114 14.75 -4.86 -7.28
CA ARG A 114 13.40 -5.30 -6.93
C ARG A 114 12.57 -4.09 -6.52
N ARG A 115 11.83 -3.58 -7.50
CA ARG A 115 11.03 -2.37 -7.38
C ARG A 115 10.13 -2.34 -6.14
N GLU A 116 9.50 -3.47 -5.84
CA GLU A 116 8.53 -3.58 -4.73
C GLU A 116 9.11 -3.29 -3.34
N LEU A 117 10.44 -3.39 -3.21
CA LEU A 117 11.12 -3.11 -1.95
C LEU A 117 11.07 -1.65 -1.51
N LEU A 118 10.63 -0.78 -2.41
CA LEU A 118 10.52 0.65 -2.11
C LEU A 118 9.36 1.00 -1.18
N PHE A 119 8.42 0.06 -1.03
CA PHE A 119 7.34 0.21 -0.05
C PHE A 119 7.91 0.26 1.37
N ASN A 120 8.94 -0.55 1.62
CA ASN A 120 9.64 -0.58 2.90
C ASN A 120 10.18 0.78 3.32
N GLU A 121 10.69 1.53 2.35
CA GLU A 121 11.28 2.84 2.59
C GLU A 121 10.30 3.81 3.25
N VAL A 122 9.01 3.54 3.10
CA VAL A 122 7.96 4.37 3.68
C VAL A 122 7.31 3.68 4.88
N VAL A 123 6.82 2.46 4.67
CA VAL A 123 6.02 1.71 5.64
C VAL A 123 6.74 1.47 6.98
N ILE A 124 7.98 1.03 6.94
CA ILE A 124 8.70 0.63 8.15
C ILE A 124 8.83 1.78 9.17
N MET A 125 9.29 2.94 8.72
CA MET A 125 9.41 4.10 9.60
C MET A 125 8.05 4.68 10.06
N ARG A 126 6.99 4.42 9.29
CA ARG A 126 5.63 4.79 9.70
C ARG A 126 5.17 3.96 10.90
N ASP A 127 5.23 2.65 10.73
CA ASP A 127 4.62 1.71 11.67
C ASP A 127 5.47 1.42 12.90
N TYR A 128 6.76 1.73 12.81
CA TYR A 128 7.69 1.36 13.88
C TYR A 128 8.47 2.55 14.44
N GLN A 129 7.73 3.51 14.98
CA GLN A 129 8.32 4.64 15.69
C GLN A 129 8.93 4.17 17.01
N HIS A 130 10.21 4.49 17.20
CA HIS A 130 10.98 4.01 18.34
C HIS A 130 12.19 4.90 18.55
N GLU A 131 12.57 5.09 19.82
CA GLU A 131 13.72 5.94 20.16
C GLU A 131 15.02 5.54 19.44
N ASN A 132 15.11 4.28 19.01
CA ASN A 132 16.27 3.77 18.28
C ASN A 132 15.97 3.54 16.80
N VAL A 133 14.92 4.18 16.30
CA VAL A 133 14.57 4.13 14.88
C VAL A 133 14.49 5.56 14.33
N VAL A 134 15.08 5.76 13.14
CA VAL A 134 15.04 7.05 12.44
C VAL A 134 13.61 7.54 12.27
N GLU A 135 13.35 8.77 12.70
CA GLU A 135 12.03 9.39 12.53
C GLU A 135 11.80 9.79 11.07
N MET A 136 10.63 9.40 10.56
CA MET A 136 10.21 9.82 9.23
C MET A 136 9.09 10.84 9.39
N TYR A 137 9.19 11.95 8.66
CA TYR A 137 8.17 13.00 8.74
C TYR A 137 7.13 12.85 7.63
N ASN A 138 7.60 12.72 6.39
CA ASN A 138 6.73 12.64 5.24
C ASN A 138 7.36 11.86 4.08
N SER A 139 6.52 11.31 3.23
CA SER A 139 6.95 10.66 1.99
C SER A 139 6.17 11.24 0.82
N TYR A 140 6.85 11.44 -0.31
CA TYR A 140 6.26 12.06 -1.48
C TYR A 140 6.69 11.39 -2.78
N LEU A 141 5.87 11.61 -3.82
CA LEU A 141 6.22 11.18 -5.16
C LEU A 141 6.48 12.39 -6.04
N VAL A 142 7.74 12.55 -6.43
CA VAL A 142 8.14 13.65 -7.31
C VAL A 142 8.68 13.06 -8.60
N GLY A 143 7.95 13.28 -9.70
CA GLY A 143 8.30 12.67 -10.98
C GLY A 143 8.32 11.15 -10.87
N ASP A 144 9.43 10.55 -11.28
CA ASP A 144 9.61 9.10 -11.19
C ASP A 144 10.48 8.71 -9.99
N GLU A 145 10.52 9.58 -8.98
CA GLU A 145 11.31 9.36 -7.78
C GLU A 145 10.46 9.35 -6.52
N LEU A 146 10.83 8.49 -5.58
CA LEU A 146 10.26 8.50 -4.24
C LEU A 146 11.14 9.37 -3.35
N TRP A 147 10.52 10.37 -2.72
CA TRP A 147 11.23 11.25 -1.80
C TRP A 147 10.75 11.02 -0.40
N VAL A 148 11.66 10.59 0.47
CA VAL A 148 11.31 10.36 1.87
C VAL A 148 11.98 11.42 2.75
N VAL A 149 11.16 12.19 3.45
CA VAL A 149 11.64 13.24 4.34
C VAL A 149 11.72 12.69 5.76
N MET A 150 12.94 12.67 6.29
CA MET A 150 13.22 12.10 7.60
C MET A 150 14.15 13.00 8.41
N GLU A 151 14.41 12.64 9.65
CA GLU A 151 15.33 13.40 10.49
C GLU A 151 16.76 13.29 9.96
N PHE A 152 17.52 14.37 10.12
CA PHE A 152 18.92 14.37 9.75
C PHE A 152 19.75 13.93 10.95
N LEU A 153 20.49 12.84 10.79
CA LEU A 153 21.38 12.36 11.84
C LEU A 153 22.77 12.96 11.65
N GLU A 154 23.05 14.00 12.43
CA GLU A 154 24.27 14.80 12.29
C GLU A 154 25.54 14.08 12.75
N GLY A 155 25.37 12.97 13.47
CA GLY A 155 26.51 12.20 13.97
C GLY A 155 27.16 11.29 12.94
N GLY A 156 26.46 11.02 11.84
CA GLY A 156 26.99 10.20 10.77
C GLY A 156 26.81 8.71 11.00
N ALA A 157 27.32 7.90 10.07
CA ALA A 157 27.23 6.45 10.16
C ALA A 157 28.30 5.86 11.09
N LEU A 158 27.98 4.72 11.71
CA LEU A 158 28.90 4.02 12.60
C LEU A 158 30.18 3.59 11.87
N THR A 159 30.08 3.39 10.57
CA THR A 159 31.22 3.02 9.73
C THR A 159 32.38 4.01 9.88
N ASP A 160 32.03 5.30 9.88
CA ASP A 160 33.00 6.39 10.04
C ASP A 160 33.83 6.24 11.32
N ILE A 161 33.20 5.84 12.40
CA ILE A 161 33.87 5.62 13.68
C ILE A 161 34.71 4.35 13.66
N VAL A 162 34.08 3.25 13.27
CA VAL A 162 34.68 1.92 13.28
C VAL A 162 35.96 1.80 12.44
N THR A 163 36.02 2.53 11.33
CA THR A 163 37.18 2.50 10.44
C THR A 163 38.39 3.29 10.95
N HIS A 164 38.13 4.29 11.80
CA HIS A 164 39.17 5.23 12.23
C HIS A 164 39.74 4.98 13.60
N THR A 165 38.86 4.80 14.59
CA THR A 165 39.29 4.56 15.97
C THR A 165 38.77 3.24 16.52
N ARG A 166 39.25 2.88 17.71
CA ARG A 166 38.85 1.64 18.39
C ARG A 166 37.91 1.94 19.55
N MET A 167 36.78 1.24 19.57
CA MET A 167 35.75 1.45 20.59
C MET A 167 36.04 0.60 21.82
N ASN A 168 35.80 1.18 23.00
CA ASN A 168 35.84 0.39 24.22
C ASN A 168 34.51 -0.34 24.42
N GLU A 169 34.50 -1.33 25.32
CA GLU A 169 33.35 -2.20 25.51
C GLU A 169 32.10 -1.45 25.95
N GLU A 170 32.30 -0.41 26.76
CA GLU A 170 31.23 0.47 27.21
C GLU A 170 30.48 1.08 26.01
N GLN A 171 31.25 1.51 25.02
CA GLN A 171 30.70 2.13 23.82
C GLN A 171 30.05 1.10 22.90
N ILE A 172 30.69 -0.07 22.77
CA ILE A 172 30.15 -1.17 21.97
C ILE A 172 28.80 -1.65 22.50
N ALA A 173 28.70 -1.80 23.83
CA ALA A 173 27.46 -2.23 24.47
C ALA A 173 26.33 -1.23 24.27
N ALA A 174 26.67 0.07 24.30
CA ALA A 174 25.70 1.13 24.01
C ALA A 174 25.10 1.00 22.62
N VAL A 175 25.94 0.72 21.63
CA VAL A 175 25.48 0.54 20.25
C VAL A 175 24.64 -0.72 20.12
N CYS A 176 25.14 -1.82 20.68
CA CYS A 176 24.43 -3.11 20.64
C CYS A 176 23.04 -3.05 21.25
N LEU A 177 22.92 -2.38 22.40
CA LEU A 177 21.65 -2.21 23.07
C LEU A 177 20.66 -1.43 22.21
N ALA A 178 21.14 -0.36 21.59
CA ALA A 178 20.32 0.47 20.71
C ALA A 178 19.78 -0.33 19.52
N VAL A 179 20.63 -1.14 18.92
CA VAL A 179 20.25 -1.93 17.75
C VAL A 179 19.25 -3.00 18.15
N LEU A 180 19.54 -3.70 19.25
CA LEU A 180 18.69 -4.79 19.73
C LEU A 180 17.32 -4.33 20.19
N GLN A 181 17.26 -3.17 20.83
CA GLN A 181 15.98 -2.57 21.20
C GLN A 181 15.13 -2.32 19.96
N ALA A 182 15.76 -1.83 18.90
CA ALA A 182 15.09 -1.59 17.62
C ALA A 182 14.68 -2.90 16.95
N LEU A 183 15.57 -3.89 16.98
CA LEU A 183 15.31 -5.18 16.36
C LEU A 183 14.23 -6.00 17.07
N SER A 184 14.18 -5.91 18.40
CA SER A 184 13.18 -6.65 19.19
C SER A 184 11.76 -6.23 18.83
N VAL A 185 11.56 -4.94 18.60
CA VAL A 185 10.27 -4.40 18.18
C VAL A 185 9.92 -4.89 16.77
N LEU A 186 10.92 -4.90 15.89
CA LEU A 186 10.76 -5.35 14.50
C LEU A 186 10.53 -6.87 14.41
N HIS A 187 11.34 -7.64 15.12
CA HIS A 187 11.23 -9.11 15.13
C HIS A 187 9.95 -9.58 15.76
N ALA A 188 9.44 -8.85 16.74
CA ALA A 188 8.18 -9.20 17.41
C ALA A 188 7.00 -9.17 16.44
N GLN A 189 7.11 -8.31 15.43
CA GLN A 189 6.09 -8.19 14.40
C GLN A 189 6.43 -9.01 13.15
N GLY A 190 7.49 -9.80 13.24
CA GLY A 190 7.91 -10.66 12.13
C GLY A 190 8.70 -9.95 11.03
N VAL A 191 9.05 -8.69 11.26
CA VAL A 191 9.81 -7.92 10.28
C VAL A 191 11.32 -8.14 10.46
N ILE A 192 11.95 -8.61 9.39
CA ILE A 192 13.39 -8.81 9.34
C ILE A 192 14.05 -7.66 8.57
N HIS A 193 15.13 -7.11 9.12
CA HIS A 193 15.83 -5.99 8.49
C HIS A 193 16.61 -6.41 7.27
N ARG A 194 17.37 -7.50 7.41
CA ARG A 194 18.13 -8.13 6.31
C ARG A 194 19.40 -7.41 5.86
N ASP A 195 19.62 -6.19 6.36
CA ASP A 195 20.84 -5.45 6.03
C ASP A 195 21.50 -4.78 7.24
N ILE A 196 21.65 -5.54 8.33
CA ILE A 196 22.33 -5.04 9.52
C ILE A 196 23.84 -4.99 9.28
N LYS A 197 24.39 -3.78 9.39
CA LYS A 197 25.81 -3.49 9.24
C LYS A 197 26.05 -2.10 9.81
N SER A 198 27.34 -1.76 10.03
CA SER A 198 27.69 -0.46 10.61
C SER A 198 27.21 0.73 9.79
N ASP A 199 27.07 0.52 8.48
CA ASP A 199 26.59 1.56 7.56
C ASP A 199 25.13 1.92 7.84
N SER A 200 24.37 0.94 8.32
CA SER A 200 22.94 1.11 8.56
C SER A 200 22.66 1.75 9.93
N ILE A 201 23.72 2.03 10.68
CA ILE A 201 23.59 2.58 12.03
C ILE A 201 24.04 4.03 12.04
N LEU A 202 23.14 4.92 12.45
CA LEU A 202 23.41 6.35 12.46
C LEU A 202 23.37 6.94 13.86
N LEU A 203 24.01 8.09 14.03
CA LEU A 203 24.15 8.73 15.32
C LEU A 203 23.67 10.18 15.33
N THR A 204 23.25 10.64 16.49
CA THR A 204 22.93 12.05 16.72
C THR A 204 24.22 12.75 17.17
N HIS A 205 24.16 14.05 17.37
CA HIS A 205 25.32 14.80 17.86
C HIS A 205 25.57 14.56 19.33
N ASP A 206 24.51 14.23 20.07
CA ASP A 206 24.61 13.99 21.50
C ASP A 206 24.90 12.52 21.85
N GLY A 207 25.17 11.70 20.84
CA GLY A 207 25.62 10.33 21.05
C GLY A 207 24.56 9.24 21.06
N ARG A 208 23.32 9.60 20.75
CA ARG A 208 22.24 8.61 20.65
C ARG A 208 22.39 7.82 19.36
N VAL A 209 21.90 6.58 19.38
CA VAL A 209 22.11 5.63 18.28
C VAL A 209 20.79 5.16 17.70
N LYS A 210 20.67 5.22 16.37
CA LYS A 210 19.44 4.81 15.68
C LYS A 210 19.71 3.88 14.51
N LEU A 211 18.77 2.97 14.28
CA LEU A 211 18.80 2.06 13.15
C LEU A 211 18.19 2.74 11.93
N SER A 212 18.78 2.51 10.77
CA SER A 212 18.35 3.16 9.54
C SER A 212 18.26 2.15 8.40
N ASP A 213 18.02 2.66 7.20
CA ASP A 213 18.10 1.88 5.95
C ASP A 213 17.20 0.65 5.94
N PHE A 214 15.90 0.87 5.98
CA PHE A 214 14.92 -0.20 6.09
C PHE A 214 14.42 -0.74 4.74
N GLY A 215 15.08 -0.34 3.66
CA GLY A 215 14.66 -0.69 2.30
C GLY A 215 14.63 -2.17 1.95
N PHE A 216 15.36 -2.99 2.71
CA PHE A 216 15.47 -4.43 2.42
C PHE A 216 14.63 -5.33 3.33
N CYS A 217 13.72 -4.73 4.09
CA CYS A 217 12.88 -5.47 5.03
C CYS A 217 11.94 -6.46 4.37
N ALA A 218 11.81 -7.63 4.98
CA ALA A 218 10.76 -8.58 4.62
C ALA A 218 9.96 -8.90 5.88
N GLN A 219 8.78 -9.49 5.70
CA GLN A 219 7.96 -9.87 6.83
C GLN A 219 7.61 -11.36 6.82
N VAL A 220 7.64 -11.95 8.00
CA VAL A 220 7.17 -13.33 8.19
C VAL A 220 5.96 -13.33 9.14
N SER A 221 5.11 -14.35 9.01
CA SER A 221 3.92 -14.47 9.84
C SER A 221 3.59 -15.93 10.09
N LYS A 222 2.39 -16.18 10.60
CA LYS A 222 1.92 -17.55 10.82
C LYS A 222 1.84 -18.32 9.50
N GLU A 223 1.37 -17.66 8.45
CA GLU A 223 1.23 -18.28 7.14
C GLU A 223 2.57 -18.35 6.39
N VAL A 224 3.32 -17.25 6.39
CA VAL A 224 4.67 -17.21 5.82
C VAL A 224 5.68 -17.39 6.95
N PRO A 225 6.17 -18.63 7.15
CA PRO A 225 7.09 -18.85 8.27
C PRO A 225 8.48 -18.24 8.04
N ARG A 226 9.03 -18.47 6.84
CA ARG A 226 10.41 -18.06 6.53
C ARG A 226 10.48 -17.32 5.20
N ARG A 227 11.63 -16.70 4.93
CA ARG A 227 11.90 -16.06 3.64
C ARG A 227 12.92 -16.88 2.87
N LYS A 228 13.00 -16.65 1.56
CA LYS A 228 13.90 -17.42 0.69
C LYS A 228 14.80 -16.54 -0.18
N SEP A 229 14.55 -15.23 -0.18
CA SEP A 229 15.25 -14.31 -1.09
CB SEP A 229 14.52 -12.98 -1.17
OG SEP A 229 13.12 -13.18 -1.37
C SEP A 229 16.65 -14.03 -0.63
O SEP A 229 16.92 -13.88 0.56
P SEP A 229 12.04 -12.50 -0.38
O1P SEP A 229 10.71 -12.92 -0.97
O2P SEP A 229 12.33 -13.10 0.97
O3P SEP A 229 12.32 -11.03 -0.47
N LEU A 230 17.55 -13.95 -1.61
CA LEU A 230 18.95 -13.57 -1.37
C LEU A 230 19.05 -12.05 -1.28
N VAL A 231 19.00 -11.52 -0.06
CA VAL A 231 19.00 -10.09 0.20
C VAL A 231 19.95 -9.73 1.34
N GLY A 232 20.75 -8.69 1.14
CA GLY A 232 21.69 -8.21 2.16
C GLY A 232 23.06 -7.87 1.58
N THR A 233 24.01 -7.55 2.46
CA THR A 233 25.38 -7.27 2.03
C THR A 233 26.28 -8.49 2.33
N PRO A 234 26.89 -9.06 1.27
CA PRO A 234 27.66 -10.30 1.26
C PRO A 234 28.42 -10.63 2.56
N TYR A 235 29.21 -9.69 3.06
CA TYR A 235 30.06 -9.92 4.23
C TYR A 235 29.28 -10.08 5.54
N TRP A 236 28.10 -9.48 5.61
CA TRP A 236 27.26 -9.52 6.81
C TRP A 236 26.21 -10.60 6.76
N MET A 237 26.15 -11.32 5.64
CA MET A 237 25.11 -12.32 5.40
C MET A 237 25.25 -13.55 6.28
N ALA A 238 24.11 -14.08 6.73
CA ALA A 238 24.07 -15.31 7.52
C ALA A 238 24.25 -16.53 6.62
N PRO A 239 24.94 -17.58 7.12
CA PRO A 239 25.25 -18.79 6.35
C PRO A 239 24.04 -19.53 5.76
N GLU A 240 22.93 -19.55 6.47
CA GLU A 240 21.70 -20.19 5.98
C GLU A 240 21.09 -19.40 4.82
N LEU A 241 21.21 -18.08 4.89
CA LEU A 241 20.75 -17.19 3.84
C LEU A 241 21.60 -17.36 2.58
N ILE A 242 22.91 -17.53 2.77
CA ILE A 242 23.84 -17.76 1.66
C ILE A 242 23.59 -19.12 1.01
N SER A 243 23.26 -20.12 1.82
CA SER A 243 22.95 -21.46 1.33
C SER A 243 21.58 -21.53 0.65
N ARG A 244 20.89 -20.38 0.61
CA ARG A 244 19.55 -20.25 0.02
C ARG A 244 18.52 -21.17 0.69
N LEU A 245 18.56 -21.20 2.01
CA LEU A 245 17.60 -21.97 2.81
C LEU A 245 16.56 -21.02 3.41
N PRO A 246 15.37 -21.54 3.74
CA PRO A 246 14.35 -20.73 4.42
C PRO A 246 14.88 -20.17 5.74
N TYR A 247 14.78 -18.86 5.90
CA TYR A 247 15.34 -18.19 7.07
C TYR A 247 14.34 -17.23 7.71
N GLY A 248 14.60 -16.87 8.97
CA GLY A 248 13.78 -15.91 9.70
C GLY A 248 14.58 -14.73 10.20
N PRO A 249 14.08 -14.05 11.25
CA PRO A 249 14.75 -12.92 11.88
C PRO A 249 16.15 -13.20 12.43
N GLU A 250 16.50 -14.49 12.55
CA GLU A 250 17.79 -14.93 13.07
C GLU A 250 18.99 -14.44 12.24
N VAL A 251 18.72 -14.11 10.97
CA VAL A 251 19.77 -13.59 10.08
C VAL A 251 20.27 -12.21 10.48
N ASP A 252 19.40 -11.42 11.13
CA ASP A 252 19.78 -10.13 11.68
C ASP A 252 20.72 -10.28 12.86
N ILE A 253 20.46 -11.32 13.66
CA ILE A 253 21.26 -11.60 14.86
C ILE A 253 22.70 -11.96 14.48
N TRP A 254 22.86 -12.79 13.46
CA TRP A 254 24.16 -13.11 12.91
C TRP A 254 24.86 -11.90 12.37
N SER A 255 24.13 -11.10 11.59
CA SER A 255 24.66 -9.87 10.99
C SER A 255 25.16 -8.90 12.06
N LEU A 256 24.47 -8.85 13.19
CA LEU A 256 24.87 -8.02 14.31
C LEU A 256 26.22 -8.48 14.87
N GLY A 257 26.42 -9.79 14.93
CA GLY A 257 27.68 -10.39 15.36
C GLY A 257 28.83 -9.98 14.47
N ILE A 258 28.57 -9.90 13.17
CA ILE A 258 29.56 -9.42 12.20
C ILE A 258 29.86 -7.94 12.43
N MET A 259 28.85 -7.18 12.84
CA MET A 259 29.04 -5.77 13.20
C MET A 259 29.84 -5.63 14.49
N VAL A 260 29.71 -6.60 15.40
CA VAL A 260 30.51 -6.60 16.62
C VAL A 260 31.98 -6.79 16.26
N ILE A 261 32.26 -7.72 15.35
CA ILE A 261 33.62 -7.92 14.83
C ILE A 261 34.14 -6.64 14.19
N GLU A 262 33.26 -5.91 13.50
CA GLU A 262 33.59 -4.58 12.98
C GLU A 262 34.06 -3.65 14.10
N MET A 263 33.26 -3.53 15.16
CA MET A 263 33.55 -2.58 16.23
C MET A 263 34.82 -2.91 17.00
N VAL A 264 35.15 -4.19 17.07
CA VAL A 264 36.35 -4.65 17.75
C VAL A 264 37.58 -4.61 16.83
N ASP A 265 37.46 -5.22 15.65
CA ASP A 265 38.60 -5.37 14.75
C ASP A 265 38.68 -4.33 13.63
N GLY A 266 37.56 -3.71 13.31
CA GLY A 266 37.52 -2.66 12.29
C GLY A 266 36.91 -3.10 10.96
N GLU A 267 36.99 -4.41 10.70
CA GLU A 267 36.48 -4.98 9.44
C GLU A 267 35.69 -6.26 9.70
N PRO A 268 34.74 -6.59 8.79
CA PRO A 268 34.12 -7.91 8.82
C PRO A 268 35.14 -8.97 8.37
N PRO A 269 34.89 -10.25 8.70
CA PRO A 269 35.74 -11.33 8.22
C PRO A 269 35.76 -11.41 6.69
N TYR A 270 36.89 -11.85 6.13
CA TYR A 270 37.06 -12.03 4.69
C TYR A 270 36.79 -10.75 3.87
N PHE A 271 37.05 -9.60 4.48
CA PHE A 271 36.76 -8.29 3.86
C PHE A 271 37.65 -7.98 2.66
N ASN A 272 38.88 -8.52 2.67
CA ASN A 272 39.80 -8.36 1.54
C ASN A 272 39.39 -9.19 0.33
N GLU A 273 38.71 -10.30 0.58
CA GLU A 273 38.24 -11.20 -0.48
C GLU A 273 37.11 -10.57 -1.31
N PRO A 274 36.93 -11.02 -2.57
CA PRO A 274 35.80 -10.58 -3.37
C PRO A 274 34.47 -11.05 -2.76
N PRO A 275 33.41 -10.21 -2.84
CA PRO A 275 32.10 -10.52 -2.25
C PRO A 275 31.60 -11.94 -2.54
N LEU A 276 31.70 -12.37 -3.80
CA LEU A 276 31.23 -13.69 -4.22
C LEU A 276 32.05 -14.83 -3.60
N LYS A 277 33.37 -14.61 -3.52
CA LYS A 277 34.29 -15.61 -2.95
C LYS A 277 34.16 -15.67 -1.43
N ALA A 278 33.97 -14.52 -0.81
CA ALA A 278 33.85 -14.41 0.65
C ALA A 278 32.58 -15.07 1.18
N MET A 279 31.51 -15.06 0.36
CA MET A 279 30.24 -15.67 0.73
C MET A 279 30.34 -17.18 0.90
N LYS A 280 31.04 -17.83 -0.03
CA LYS A 280 31.29 -19.27 0.03
C LYS A 280 32.15 -19.66 1.25
N MET A 281 32.98 -18.72 1.70
CA MET A 281 33.80 -18.92 2.89
C MET A 281 32.96 -18.89 4.16
N ILE A 282 32.00 -17.97 4.22
CA ILE A 282 31.06 -17.91 5.33
C ILE A 282 30.16 -19.16 5.31
N ARG A 283 29.84 -19.63 4.11
CA ARG A 283 28.98 -20.79 3.91
C ARG A 283 29.58 -22.08 4.48
N ASP A 284 30.84 -22.34 4.16
CA ASP A 284 31.47 -23.63 4.47
C ASP A 284 32.19 -23.67 5.83
N ASN A 285 32.80 -22.56 6.21
CA ASN A 285 33.64 -22.51 7.41
C ASN A 285 32.85 -22.42 8.71
N LEU A 286 33.53 -22.70 9.82
CA LEU A 286 32.98 -22.51 11.16
C LEU A 286 32.81 -21.01 11.44
N PRO A 287 32.00 -20.65 12.45
CA PRO A 287 31.80 -19.24 12.77
C PRO A 287 33.12 -18.49 13.02
N PRO A 288 33.22 -17.25 12.51
CA PRO A 288 34.44 -16.46 12.66
C PRO A 288 34.68 -16.00 14.10
N ARG A 289 35.95 -15.86 14.45
CA ARG A 289 36.36 -15.44 15.80
C ARG A 289 37.04 -14.08 15.79
N LEU A 290 37.15 -13.47 16.97
CA LEU A 290 37.86 -12.21 17.13
C LEU A 290 39.36 -12.38 16.98
N LYS A 291 40.05 -11.32 16.60
CA LYS A 291 41.50 -11.37 16.33
C LYS A 291 42.26 -11.92 17.55
N ASN A 292 42.14 -11.25 18.68
CA ASN A 292 42.76 -11.73 19.93
CA ASN A 292 42.77 -11.71 19.93
C ASN A 292 41.87 -11.54 21.16
N LEU A 293 41.43 -12.67 21.71
CA LEU A 293 40.49 -12.72 22.83
C LEU A 293 41.11 -12.35 24.18
N HIS A 294 42.43 -12.18 24.19
CA HIS A 294 43.22 -11.85 25.39
CA HIS A 294 43.14 -11.89 25.44
C HIS A 294 42.79 -10.55 26.03
N LYS A 295 42.31 -9.62 25.21
CA LYS A 295 41.93 -8.29 25.67
C LYS A 295 40.42 -8.06 25.86
N VAL A 296 39.61 -8.95 25.31
CA VAL A 296 38.14 -8.82 25.41
C VAL A 296 37.58 -9.51 26.66
N SER A 297 36.56 -8.89 27.26
CA SER A 297 35.95 -9.42 28.48
C SER A 297 35.08 -10.63 28.18
N PRO A 298 35.00 -11.58 29.14
CA PRO A 298 34.18 -12.80 29.01
C PRO A 298 32.70 -12.57 28.74
N SER A 299 32.16 -11.42 29.18
CA SER A 299 30.76 -11.09 28.91
C SER A 299 30.57 -10.72 27.43
N LEU A 300 31.62 -10.16 26.83
CA LEU A 300 31.61 -9.87 25.40
C LEU A 300 31.78 -11.15 24.59
N LYS A 301 32.70 -12.02 25.02
CA LYS A 301 32.87 -13.33 24.39
C LYS A 301 31.56 -14.09 24.43
N GLY A 302 30.96 -14.18 25.62
CA GLY A 302 29.69 -14.88 25.83
C GLY A 302 28.59 -14.31 24.96
N PHE A 303 28.54 -12.99 24.86
CA PHE A 303 27.59 -12.26 24.03
C PHE A 303 27.73 -12.63 22.56
N LEU A 304 28.95 -12.52 22.04
CA LEU A 304 29.24 -12.82 20.64
C LEU A 304 28.98 -14.30 20.30
N ASP A 305 29.19 -15.17 21.29
CA ASP A 305 28.92 -16.60 21.15
C ASP A 305 27.43 -16.92 20.96
N ARG A 306 26.56 -16.00 21.38
CA ARG A 306 25.13 -16.16 21.20
C ARG A 306 24.66 -15.60 19.84
N LEU A 307 25.50 -14.75 19.25
CA LEU A 307 25.18 -14.15 17.95
C LEU A 307 25.68 -15.02 16.79
N LEU A 308 26.95 -15.45 16.86
CA LEU A 308 27.58 -16.15 15.75
C LEU A 308 27.44 -17.68 15.83
N VAL A 309 26.20 -18.16 15.82
CA VAL A 309 25.92 -19.59 15.82
C VAL A 309 25.42 -19.99 14.43
N ARG A 310 26.04 -21.01 13.85
CA ARG A 310 25.70 -21.47 12.50
C ARG A 310 24.25 -21.93 12.37
N ASP A 311 23.79 -22.73 13.33
CA ASP A 311 22.41 -23.17 13.38
C ASP A 311 21.53 -22.03 13.92
N PRO A 312 20.57 -21.56 13.10
CA PRO A 312 19.73 -20.41 13.47
C PRO A 312 18.83 -20.69 14.67
N ALA A 313 18.51 -21.98 14.89
CA ALA A 313 17.66 -22.41 15.99
C ALA A 313 18.37 -22.30 17.35
N GLN A 314 19.70 -22.37 17.33
CA GLN A 314 20.49 -22.27 18.55
C GLN A 314 20.93 -20.84 18.82
N ARG A 315 20.86 -20.01 17.78
CA ARG A 315 21.17 -18.58 17.86
C ARG A 315 20.17 -17.89 18.77
N ALA A 316 20.63 -16.93 19.57
CA ALA A 316 19.78 -16.20 20.50
C ALA A 316 18.86 -15.23 19.77
N THR A 317 17.68 -15.01 20.34
CA THR A 317 16.75 -14.01 19.80
C THR A 317 17.07 -12.63 20.38
N ALA A 318 16.54 -11.59 19.74
CA ALA A 318 16.74 -10.22 20.20
C ALA A 318 16.23 -10.01 21.62
N ALA A 319 15.06 -10.59 21.91
CA ALA A 319 14.43 -10.48 23.23
C ALA A 319 15.27 -11.13 24.33
N GLU A 320 15.96 -12.21 23.99
CA GLU A 320 16.86 -12.89 24.92
C GLU A 320 18.12 -12.07 25.19
N LEU A 321 18.72 -11.55 24.11
CA LEU A 321 19.96 -10.77 24.20
C LEU A 321 19.81 -9.46 24.97
N LEU A 322 18.62 -8.88 24.97
CA LEU A 322 18.35 -7.66 25.72
C LEU A 322 18.55 -7.86 27.23
N LYS A 323 18.58 -9.11 27.66
CA LYS A 323 18.77 -9.45 29.08
C LYS A 323 20.20 -9.88 29.39
N HIS A 324 21.02 -10.04 28.35
CA HIS A 324 22.41 -10.46 28.49
C HIS A 324 23.22 -9.49 29.30
N PRO A 325 24.04 -10.00 30.24
CA PRO A 325 24.85 -9.18 31.15
C PRO A 325 25.79 -8.16 30.49
N PHE A 326 26.22 -8.44 29.26
CA PHE A 326 27.14 -7.55 28.54
C PHE A 326 26.54 -6.17 28.28
N LEU A 327 25.22 -6.13 28.07
CA LEU A 327 24.53 -4.89 27.75
C LEU A 327 24.38 -3.95 28.94
N ALA A 328 24.69 -4.44 30.14
CA ALA A 328 24.63 -3.62 31.35
C ALA A 328 25.82 -2.66 31.46
N LYS A 329 26.84 -2.93 30.65
CA LYS A 329 28.05 -2.09 30.59
C LYS A 329 27.84 -0.87 29.68
N ALA A 330 26.71 -0.84 28.98
CA ALA A 330 26.40 0.21 28.02
C ALA A 330 26.53 1.60 28.64
N GLY A 331 27.39 2.42 28.03
CA GLY A 331 27.62 3.78 28.51
C GLY A 331 26.51 4.72 28.09
N PRO A 332 26.46 5.93 28.70
CA PRO A 332 25.50 6.96 28.29
C PRO A 332 25.78 7.44 26.87
N PRO A 333 24.80 8.13 26.24
CA PRO A 333 25.07 8.75 24.94
C PRO A 333 26.34 9.61 24.94
N ALA A 334 26.62 10.27 26.07
CA ALA A 334 27.82 11.11 26.23
C ALA A 334 29.13 10.38 25.98
N SER A 335 29.16 9.08 26.28
CA SER A 335 30.37 8.29 26.12
C SER A 335 30.66 7.95 24.65
N ILE A 336 29.67 8.16 23.79
CA ILE A 336 29.80 7.87 22.36
C ILE A 336 30.35 9.09 21.60
N VAL A 337 30.06 10.28 22.13
CA VAL A 337 30.42 11.56 21.51
C VAL A 337 31.92 11.72 21.12
N PRO A 338 32.86 11.37 22.03
CA PRO A 338 34.28 11.53 21.67
C PRO A 338 34.72 10.74 20.42
N LEU A 339 33.99 9.68 20.09
CA LEU A 339 34.31 8.83 18.95
C LEU A 339 34.04 9.48 17.59
N MET A 340 33.16 10.48 17.58
CA MET A 340 32.69 11.07 16.33
C MET A 340 33.70 11.99 15.64
N ARG A 341 33.48 12.21 14.34
CA ARG A 341 34.38 12.97 13.46
C ARG A 341 34.91 14.27 14.05
N GLN A 342 33.99 15.11 14.51
CA GLN A 342 34.33 16.42 15.07
C GLN A 342 35.27 16.33 16.28
N ASN A 343 35.26 15.19 16.96
CA ASN A 343 35.96 15.02 18.22
C ASN A 343 37.20 14.14 18.13
N ARG A 344 37.53 13.72 16.90
CA ARG A 344 38.72 12.90 16.67
C ARG A 344 39.94 13.78 16.36
N GLN B 52 -27.10 -13.09 18.39
CA GLN B 52 -25.86 -12.52 17.74
C GLN B 52 -24.89 -13.63 17.34
N ARG B 53 -24.62 -14.55 18.26
CA ARG B 53 -23.69 -15.66 18.02
C ARG B 53 -24.22 -16.67 16.99
N VAL B 54 -25.47 -17.11 17.16
CA VAL B 54 -26.11 -18.04 16.24
C VAL B 54 -26.14 -17.47 14.81
N SER B 55 -26.45 -16.18 14.70
CA SER B 55 -26.52 -15.51 13.41
C SER B 55 -25.14 -15.30 12.78
N HIS B 56 -24.13 -15.04 13.61
CA HIS B 56 -22.78 -14.78 13.13
C HIS B 56 -22.07 -16.01 12.66
N GLU B 57 -22.02 -17.03 13.50
CA GLU B 57 -21.29 -18.27 13.22
C GLU B 57 -21.85 -18.99 11.98
N GLN B 58 -23.17 -19.04 11.88
CA GLN B 58 -23.84 -19.62 10.72
C GLN B 58 -23.45 -18.86 9.45
N PHE B 59 -23.44 -17.54 9.53
CA PHE B 59 -23.08 -16.68 8.40
C PHE B 59 -21.61 -16.87 8.01
N ARG B 60 -20.73 -16.97 8.99
CA ARG B 60 -19.32 -17.16 8.75
C ARG B 60 -19.06 -18.49 8.04
N ALA B 61 -19.75 -19.54 8.48
CA ALA B 61 -19.58 -20.88 7.94
C ALA B 61 -20.05 -20.97 6.49
N ALA B 62 -21.15 -20.28 6.19
CA ALA B 62 -21.66 -20.19 4.83
C ALA B 62 -20.61 -19.56 3.90
N LEU B 63 -20.07 -18.41 4.32
CA LEU B 63 -19.02 -17.73 3.57
C LEU B 63 -17.81 -18.62 3.34
N GLN B 64 -17.37 -19.30 4.39
CA GLN B 64 -16.23 -20.20 4.31
C GLN B 64 -16.37 -21.17 3.13
N LEU B 65 -17.58 -21.70 2.94
CA LEU B 65 -17.88 -22.60 1.84
C LEU B 65 -17.92 -21.87 0.49
N VAL B 66 -18.38 -20.62 0.49
CA VAL B 66 -18.51 -19.84 -0.73
C VAL B 66 -17.15 -19.37 -1.26
N VAL B 67 -16.27 -18.94 -0.36
CA VAL B 67 -14.93 -18.47 -0.74
C VAL B 67 -13.95 -19.62 -1.02
N ASP B 68 -12.73 -19.28 -1.43
CA ASP B 68 -11.65 -20.25 -1.60
C ASP B 68 -11.04 -20.56 -0.22
N PRO B 69 -10.41 -21.74 -0.07
CA PRO B 69 -9.78 -22.07 1.22
C PRO B 69 -8.43 -21.34 1.42
N GLY B 70 -7.97 -21.32 2.66
CA GLY B 70 -6.62 -20.85 2.99
C GLY B 70 -6.50 -19.37 3.33
N ASP B 71 -5.27 -18.88 3.20
CA ASP B 71 -4.92 -17.50 3.53
C ASP B 71 -4.04 -16.93 2.40
N PRO B 72 -4.43 -15.76 1.85
CA PRO B 72 -3.67 -15.16 0.75
C PRO B 72 -2.29 -14.64 1.16
N ARG B 73 -2.05 -14.50 2.47
CA ARG B 73 -0.74 -14.11 2.97
C ARG B 73 0.35 -15.13 2.65
N SER B 74 -0.07 -16.34 2.26
CA SER B 74 0.84 -17.40 1.82
C SER B 74 1.50 -17.08 0.47
N TYR B 75 0.91 -16.16 -0.30
CA TYR B 75 1.52 -15.76 -1.57
C TYR B 75 1.60 -14.24 -1.80
N LEU B 76 1.11 -13.47 -0.84
CA LEU B 76 1.11 -12.00 -0.96
C LEU B 76 1.90 -11.29 0.14
N ASP B 77 2.74 -10.34 -0.28
CA ASP B 77 3.48 -9.46 0.63
C ASP B 77 2.91 -8.05 0.62
N ASN B 78 3.47 -7.19 1.49
CA ASN B 78 3.26 -5.74 1.45
C ASN B 78 1.79 -5.28 1.45
N PHE B 79 1.04 -5.69 2.48
CA PHE B 79 -0.33 -5.23 2.65
C PHE B 79 -0.31 -3.81 3.18
N ILE B 80 -0.68 -2.86 2.33
CA ILE B 80 -0.72 -1.44 2.70
C ILE B 80 -2.06 -0.84 2.29
N LYS B 81 -2.73 -0.22 3.26
CA LYS B 81 -4.02 0.43 3.03
C LYS B 81 -3.90 1.58 2.05
N ILE B 82 -4.80 1.61 1.07
CA ILE B 82 -4.81 2.67 0.06
C ILE B 82 -6.14 3.42 0.00
N GLY B 83 -7.16 2.87 0.66
CA GLY B 83 -8.48 3.51 0.71
C GLY B 83 -9.46 2.78 1.62
N GLU B 84 -10.59 3.44 1.87
CA GLU B 84 -11.67 2.85 2.66
C GLU B 84 -13.05 3.23 2.11
N GLY B 85 -13.99 2.30 2.22
CA GLY B 85 -15.37 2.56 1.84
C GLY B 85 -16.31 2.42 3.02
N SER B 86 -17.47 1.83 2.76
CA SER B 86 -18.48 1.63 3.80
C SER B 86 -18.44 0.20 4.34
N THR B 87 -18.18 -0.76 3.46
CA THR B 87 -18.12 -2.17 3.85
C THR B 87 -16.76 -2.55 4.45
N GLY B 88 -15.74 -1.75 4.17
CA GLY B 88 -14.40 -1.99 4.71
C GLY B 88 -13.31 -1.19 4.01
N ILE B 89 -12.07 -1.62 4.19
CA ILE B 89 -10.91 -0.94 3.62
C ILE B 89 -10.37 -1.68 2.39
N VAL B 90 -9.57 -0.98 1.59
CA VAL B 90 -8.92 -1.56 0.43
C VAL B 90 -7.40 -1.40 0.54
N CYS B 91 -6.68 -2.47 0.22
CA CYS B 91 -5.22 -2.48 0.32
C CYS B 91 -4.57 -2.82 -1.01
N ILE B 92 -3.30 -2.44 -1.12
CA ILE B 92 -2.44 -2.92 -2.18
C ILE B 92 -1.65 -4.11 -1.64
N ALA B 93 -1.24 -5.00 -2.53
CA ALA B 93 -0.40 -6.15 -2.14
C ALA B 93 0.44 -6.66 -3.31
N THR B 94 1.52 -7.36 -2.97
CA THR B 94 2.50 -7.83 -3.93
C THR B 94 2.47 -9.34 -4.02
N VAL B 95 2.43 -9.87 -5.24
CA VAL B 95 2.59 -11.31 -5.45
C VAL B 95 4.07 -11.63 -5.25
N ARG B 96 4.37 -12.49 -4.28
CA ARG B 96 5.76 -12.75 -3.87
C ARG B 96 6.64 -13.23 -5.02
N SER B 97 6.13 -14.16 -5.82
CA SER B 97 6.90 -14.75 -6.91
C SER B 97 7.14 -13.78 -8.07
N SER B 98 6.07 -13.17 -8.57
CA SER B 98 6.16 -12.28 -9.73
C SER B 98 6.59 -10.85 -9.37
N GLY B 99 6.00 -10.32 -8.30
CA GLY B 99 6.21 -8.93 -7.92
C GLY B 99 5.10 -8.03 -8.45
N LYS B 100 4.04 -8.64 -8.95
CA LYS B 100 2.92 -7.90 -9.53
C LYS B 100 1.90 -7.47 -8.47
N LEU B 101 1.32 -6.29 -8.68
CA LEU B 101 0.42 -5.68 -7.71
C LEU B 101 -1.03 -6.16 -7.86
N VAL B 102 -1.71 -6.29 -6.74
CA VAL B 102 -3.13 -6.65 -6.69
C VAL B 102 -3.83 -5.79 -5.64
N ALA B 103 -5.15 -5.69 -5.77
CA ALA B 103 -5.95 -5.00 -4.77
C ALA B 103 -6.62 -6.02 -3.86
N VAL B 104 -6.69 -5.72 -2.58
CA VAL B 104 -7.33 -6.61 -1.60
C VAL B 104 -8.32 -5.82 -0.75
N LYS B 105 -9.59 -6.21 -0.81
CA LYS B 105 -10.63 -5.58 -0.01
C LYS B 105 -10.92 -6.41 1.23
N LYS B 106 -10.74 -5.79 2.40
CA LYS B 106 -10.97 -6.45 3.68
C LYS B 106 -12.26 -5.92 4.30
N MET B 107 -13.14 -6.85 4.68
CA MET B 107 -14.47 -6.49 5.20
C MET B 107 -14.82 -7.29 6.44
N ASP B 108 -15.01 -6.58 7.56
CA ASP B 108 -15.39 -7.21 8.82
C ASP B 108 -16.86 -7.63 8.81
N LEU B 109 -17.10 -8.89 9.16
CA LEU B 109 -18.45 -9.47 9.19
C LEU B 109 -19.31 -8.90 10.31
N ARG B 110 -18.66 -8.52 11.41
CA ARG B 110 -19.36 -7.98 12.58
C ARG B 110 -19.73 -6.51 12.41
N LYS B 111 -19.26 -5.88 11.34
CA LYS B 111 -19.43 -4.44 11.15
C LYS B 111 -20.24 -4.03 9.91
N GLN B 112 -21.13 -4.92 9.47
CA GLN B 112 -21.98 -4.64 8.32
C GLN B 112 -23.42 -4.34 8.73
N GLN B 113 -24.08 -3.46 7.96
CA GLN B 113 -25.49 -3.16 8.15
C GLN B 113 -26.32 -4.40 7.90
N ARG B 114 -26.34 -4.85 6.65
CA ARG B 114 -26.95 -6.13 6.29
C ARG B 114 -25.84 -7.09 5.88
N ARG B 115 -25.51 -8.01 6.78
CA ARG B 115 -24.40 -8.95 6.60
C ARG B 115 -24.50 -9.76 5.31
N GLU B 116 -25.71 -10.20 4.98
CA GLU B 116 -25.95 -11.04 3.79
C GLU B 116 -25.51 -10.40 2.47
N LEU B 117 -25.32 -9.08 2.47
CA LEU B 117 -24.85 -8.36 1.28
C LEU B 117 -23.39 -8.64 0.93
N LEU B 118 -22.65 -9.26 1.86
CA LEU B 118 -21.25 -9.59 1.63
C LEU B 118 -21.06 -10.74 0.65
N PHE B 119 -22.12 -11.51 0.41
CA PHE B 119 -22.10 -12.55 -0.63
C PHE B 119 -21.87 -11.94 -2.01
N ASN B 120 -22.47 -10.77 -2.26
CA ASN B 120 -22.30 -10.02 -3.49
C ASN B 120 -20.84 -9.72 -3.81
N GLU B 121 -20.07 -9.36 -2.77
CA GLU B 121 -18.67 -9.00 -2.92
C GLU B 121 -17.83 -10.11 -3.56
N VAL B 122 -18.33 -11.35 -3.49
CA VAL B 122 -17.66 -12.52 -4.06
C VAL B 122 -18.36 -13.00 -5.34
N VAL B 123 -19.66 -13.27 -5.22
CA VAL B 123 -20.47 -13.88 -6.27
C VAL B 123 -20.50 -13.08 -7.58
N ILE B 124 -20.79 -11.78 -7.49
CA ILE B 124 -21.02 -10.95 -8.68
C ILE B 124 -19.82 -10.94 -9.65
N MET B 125 -18.65 -10.58 -9.14
CA MET B 125 -17.43 -10.57 -9.96
C MET B 125 -17.06 -11.96 -10.49
N ARG B 126 -17.43 -12.99 -9.74
CA ARG B 126 -17.16 -14.37 -10.13
C ARG B 126 -18.06 -14.81 -11.31
N ASP B 127 -19.33 -14.43 -11.25
CA ASP B 127 -20.32 -14.87 -12.23
C ASP B 127 -20.43 -13.96 -13.46
N TYR B 128 -19.99 -12.72 -13.32
CA TYR B 128 -20.15 -11.74 -14.39
C TYR B 128 -18.82 -11.14 -14.86
N GLN B 129 -17.95 -12.01 -15.35
CA GLN B 129 -16.69 -11.58 -15.94
C GLN B 129 -16.94 -10.86 -17.26
N HIS B 130 -16.41 -9.64 -17.36
CA HIS B 130 -16.66 -8.76 -18.48
C HIS B 130 -15.57 -7.74 -18.64
N GLU B 131 -15.30 -7.38 -19.89
CA GLU B 131 -14.34 -6.34 -20.26
C GLU B 131 -14.45 -5.06 -19.41
N ASN B 132 -15.67 -4.72 -19.00
CA ASN B 132 -15.93 -3.54 -18.17
C ASN B 132 -16.29 -3.86 -16.73
N VAL B 133 -15.89 -5.05 -16.28
CA VAL B 133 -16.08 -5.46 -14.90
C VAL B 133 -14.73 -5.82 -14.28
N VAL B 134 -14.47 -5.27 -13.09
CA VAL B 134 -13.27 -5.55 -12.31
C VAL B 134 -13.05 -7.05 -12.17
N GLU B 135 -11.86 -7.52 -12.57
CA GLU B 135 -11.50 -8.93 -12.41
C GLU B 135 -11.29 -9.28 -10.95
N MET B 136 -11.84 -10.43 -10.55
CA MET B 136 -11.59 -10.99 -9.24
C MET B 136 -10.75 -12.24 -9.39
N TYR B 137 -9.71 -12.36 -8.58
CA TYR B 137 -8.84 -13.53 -8.64
C TYR B 137 -9.24 -14.59 -7.64
N ASN B 138 -9.41 -14.19 -6.38
CA ASN B 138 -9.74 -15.11 -5.31
C ASN B 138 -10.46 -14.42 -4.15
N SER B 139 -11.18 -15.21 -3.37
CA SER B 139 -11.82 -14.74 -2.16
C SER B 139 -11.42 -15.65 -1.00
N TYR B 140 -11.20 -15.05 0.17
CA TYR B 140 -10.76 -15.81 1.34
C TYR B 140 -11.43 -15.33 2.62
N LEU B 141 -11.43 -16.21 3.62
CA LEU B 141 -11.88 -15.85 4.94
C LEU B 141 -10.71 -15.88 5.91
N VAL B 142 -10.34 -14.70 6.41
CA VAL B 142 -9.26 -14.59 7.40
C VAL B 142 -9.85 -14.00 8.67
N GLY B 143 -9.78 -14.75 9.76
CA GLY B 143 -10.43 -14.36 11.01
C GLY B 143 -11.89 -14.05 10.78
N ASP B 144 -12.35 -12.91 11.30
CA ASP B 144 -13.74 -12.48 11.13
C ASP B 144 -13.88 -11.49 9.97
N GLU B 145 -12.94 -11.56 9.03
CA GLU B 145 -12.95 -10.68 7.86
C GLU B 145 -13.02 -11.46 6.56
N LEU B 146 -13.67 -10.85 5.56
CA LEU B 146 -13.70 -11.37 4.20
C LEU B 146 -12.68 -10.61 3.37
N TRP B 147 -11.78 -11.36 2.72
CA TRP B 147 -10.75 -10.78 1.88
C TRP B 147 -11.00 -11.14 0.45
N VAL B 148 -11.14 -10.12 -0.40
CA VAL B 148 -11.33 -10.35 -1.82
C VAL B 148 -10.12 -9.83 -2.57
N VAL B 149 -9.44 -10.74 -3.29
CA VAL B 149 -8.29 -10.40 -4.10
C VAL B 149 -8.75 -10.14 -5.52
N MET B 150 -8.44 -8.95 -6.01
CA MET B 150 -8.89 -8.52 -7.32
C MET B 150 -7.80 -7.70 -8.02
N GLU B 151 -8.04 -7.33 -9.28
CA GLU B 151 -7.08 -6.53 -10.02
C GLU B 151 -6.98 -5.13 -9.41
N PHE B 152 -5.80 -4.54 -9.50
CA PHE B 152 -5.59 -3.18 -9.03
C PHE B 152 -5.82 -2.22 -10.19
N LEU B 153 -6.80 -1.32 -10.03
CA LEU B 153 -7.09 -0.32 -11.05
C LEU B 153 -6.29 0.96 -10.75
N GLU B 154 -5.14 1.07 -11.40
CA GLU B 154 -4.17 2.12 -11.12
C GLU B 154 -4.60 3.52 -11.54
N GLY B 155 -5.64 3.60 -12.36
CA GLY B 155 -6.16 4.88 -12.84
C GLY B 155 -7.00 5.62 -11.81
N GLY B 156 -7.49 4.89 -10.82
CA GLY B 156 -8.30 5.50 -9.76
C GLY B 156 -9.76 5.61 -10.11
N ALA B 157 -10.53 6.25 -9.23
CA ALA B 157 -11.96 6.42 -9.40
C ALA B 157 -12.30 7.64 -10.27
N LEU B 158 -13.45 7.57 -10.93
CA LEU B 158 -13.94 8.66 -11.77
C LEU B 158 -14.17 9.94 -10.97
N THR B 159 -14.48 9.79 -9.69
CA THR B 159 -14.69 10.90 -8.77
C THR B 159 -13.51 11.87 -8.81
N ASP B 160 -12.29 11.31 -8.78
CA ASP B 160 -11.05 12.09 -8.81
C ASP B 160 -10.95 12.99 -10.05
N ILE B 161 -11.47 12.52 -11.17
CA ILE B 161 -11.46 13.28 -12.43
C ILE B 161 -12.57 14.33 -12.46
N VAL B 162 -13.78 13.88 -12.11
CA VAL B 162 -14.99 14.70 -12.14
C VAL B 162 -14.92 15.94 -11.23
N THR B 163 -14.22 15.80 -10.11
CA THR B 163 -14.10 16.88 -9.12
C THR B 163 -13.05 17.94 -9.47
N HIS B 164 -12.14 17.62 -10.39
CA HIS B 164 -11.01 18.49 -10.68
C HIS B 164 -11.05 19.16 -12.04
N THR B 165 -11.18 18.35 -13.09
CA THR B 165 -11.25 18.87 -14.46
C THR B 165 -12.65 18.69 -15.07
N ARG B 166 -12.79 19.09 -16.32
CA ARG B 166 -14.06 19.04 -17.02
C ARG B 166 -13.92 18.18 -18.27
N MET B 167 -14.74 17.13 -18.35
CA MET B 167 -14.67 16.17 -19.43
C MET B 167 -15.39 16.69 -20.68
N ASN B 168 -14.83 16.40 -21.85
CA ASN B 168 -15.55 16.64 -23.10
C ASN B 168 -16.48 15.47 -23.41
N GLU B 169 -17.37 15.66 -24.38
CA GLU B 169 -18.43 14.70 -24.69
C GLU B 169 -17.88 13.36 -25.18
N GLU B 170 -16.78 13.42 -25.93
CA GLU B 170 -16.07 12.22 -26.37
C GLU B 170 -15.68 11.34 -25.17
N GLN B 171 -15.19 11.98 -24.11
CA GLN B 171 -14.76 11.28 -22.90
C GLN B 171 -15.94 10.77 -22.10
N ILE B 172 -16.98 11.60 -21.99
CA ILE B 172 -18.20 11.22 -21.27
C ILE B 172 -18.87 10.00 -21.91
N ALA B 173 -18.95 9.99 -23.23
CA ALA B 173 -19.55 8.89 -23.98
C ALA B 173 -18.78 7.58 -23.77
N ALA B 174 -17.45 7.66 -23.74
CA ALA B 174 -16.60 6.50 -23.49
C ALA B 174 -16.88 5.86 -22.14
N VAL B 175 -17.07 6.69 -21.12
CA VAL B 175 -17.41 6.21 -19.78
C VAL B 175 -18.80 5.57 -19.77
N CYS B 176 -19.78 6.29 -20.33
CA CYS B 176 -21.16 5.82 -20.40
C CYS B 176 -21.30 4.48 -21.09
N LEU B 177 -20.60 4.30 -22.21
CA LEU B 177 -20.64 3.06 -22.96
C LEU B 177 -20.13 1.90 -22.11
N ALA B 178 -19.00 2.11 -21.44
CA ALA B 178 -18.39 1.11 -20.58
C ALA B 178 -19.35 0.66 -19.48
N VAL B 179 -19.96 1.63 -18.82
CA VAL B 179 -20.92 1.35 -17.74
C VAL B 179 -22.15 0.61 -18.26
N LEU B 180 -22.70 1.07 -19.38
CA LEU B 180 -23.89 0.46 -19.97
C LEU B 180 -23.63 -0.94 -20.48
N GLN B 181 -22.45 -1.15 -21.07
CA GLN B 181 -22.04 -2.49 -21.46
C GLN B 181 -22.01 -3.45 -20.26
N ALA B 182 -21.56 -2.94 -19.11
CA ALA B 182 -21.54 -3.71 -17.87
C ALA B 182 -22.95 -3.94 -17.32
N LEU B 183 -23.75 -2.88 -17.28
CA LEU B 183 -25.09 -2.95 -16.74
C LEU B 183 -26.04 -3.83 -17.56
N SER B 184 -25.87 -3.84 -18.89
CA SER B 184 -26.70 -4.65 -19.78
C SER B 184 -26.56 -6.14 -19.49
N VAL B 185 -25.31 -6.57 -19.25
CA VAL B 185 -25.01 -7.95 -18.90
C VAL B 185 -25.61 -8.30 -17.53
N LEU B 186 -25.53 -7.35 -16.60
CA LEU B 186 -26.09 -7.51 -15.26
C LEU B 186 -27.63 -7.50 -15.26
N HIS B 187 -28.22 -6.51 -15.95
CA HIS B 187 -29.67 -6.37 -16.00
C HIS B 187 -30.35 -7.52 -16.70
N ALA B 188 -29.66 -8.10 -17.68
CA ALA B 188 -30.18 -9.24 -18.42
C ALA B 188 -30.43 -10.44 -17.50
N GLN B 189 -29.62 -10.54 -16.45
CA GLN B 189 -29.75 -11.61 -15.48
C GLN B 189 -30.55 -11.19 -14.25
N GLY B 190 -31.13 -9.99 -14.33
CA GLY B 190 -31.96 -9.46 -13.26
C GLY B 190 -31.19 -8.87 -12.09
N VAL B 191 -29.87 -8.71 -12.25
CA VAL B 191 -29.03 -8.14 -11.21
C VAL B 191 -29.04 -6.62 -11.26
N ILE B 192 -29.41 -5.99 -10.16
CA ILE B 192 -29.43 -4.53 -10.02
C ILE B 192 -28.26 -4.09 -9.15
N HIS B 193 -27.42 -3.21 -9.68
CA HIS B 193 -26.22 -2.74 -8.99
C HIS B 193 -26.57 -1.94 -7.75
N ARG B 194 -27.48 -0.98 -7.91
CA ARG B 194 -28.03 -0.17 -6.80
C ARG B 194 -27.12 0.91 -6.23
N ASP B 195 -25.86 0.95 -6.67
CA ASP B 195 -24.93 1.99 -6.23
C ASP B 195 -24.08 2.58 -7.36
N ILE B 196 -24.75 2.92 -8.46
CA ILE B 196 -24.09 3.57 -9.60
C ILE B 196 -23.79 5.04 -9.27
N LYS B 197 -22.50 5.37 -9.28
CA LYS B 197 -21.99 6.71 -9.02
C LYS B 197 -20.54 6.75 -9.48
N SER B 198 -19.96 7.94 -9.58
CA SER B 198 -18.58 8.10 -10.07
C SER B 198 -17.56 7.36 -9.21
N ASP B 199 -17.87 7.21 -7.91
CA ASP B 199 -17.01 6.50 -6.97
C ASP B 199 -16.90 5.02 -7.32
N SER B 200 -17.96 4.48 -7.91
CA SER B 200 -18.03 3.06 -8.23
C SER B 200 -17.37 2.72 -9.56
N ILE B 201 -16.87 3.75 -10.25
CA ILE B 201 -16.28 3.57 -11.57
C ILE B 201 -14.76 3.75 -11.48
N LEU B 202 -14.03 2.74 -11.93
CA LEU B 202 -12.57 2.75 -11.82
C LEU B 202 -11.90 2.70 -13.19
N LEU B 203 -10.64 3.15 -13.23
CA LEU B 203 -9.89 3.24 -14.48
C LEU B 203 -8.57 2.47 -14.44
N THR B 204 -8.10 2.09 -15.61
CA THR B 204 -6.75 1.56 -15.78
C THR B 204 -5.81 2.72 -16.10
N HIS B 205 -4.51 2.43 -16.19
CA HIS B 205 -3.53 3.46 -16.56
C HIS B 205 -3.64 3.83 -18.01
N ASP B 206 -4.08 2.88 -18.84
CA ASP B 206 -4.18 3.10 -20.29
C ASP B 206 -5.56 3.64 -20.73
N GLY B 207 -6.41 3.99 -19.76
CA GLY B 207 -7.65 4.70 -20.05
C GLY B 207 -8.92 3.86 -20.15
N ARG B 208 -8.82 2.56 -19.89
CA ARG B 208 -10.00 1.69 -19.91
C ARG B 208 -10.85 1.88 -18.66
N VAL B 209 -12.14 1.57 -18.77
CA VAL B 209 -13.13 1.89 -17.75
C VAL B 209 -13.83 0.63 -17.26
N LYS B 210 -13.89 0.44 -15.94
CA LYS B 210 -14.52 -0.73 -15.34
C LYS B 210 -15.46 -0.38 -14.19
N LEU B 211 -16.54 -1.15 -14.09
CA LEU B 211 -17.50 -1.00 -12.99
C LEU B 211 -17.01 -1.79 -11.78
N SER B 212 -17.17 -1.18 -10.60
CA SER B 212 -16.71 -1.78 -9.36
C SER B 212 -17.82 -1.79 -8.32
N ASP B 213 -17.45 -2.13 -7.08
CA ASP B 213 -18.31 -2.00 -5.90
C ASP B 213 -19.69 -2.64 -6.06
N PHE B 214 -19.71 -3.98 -6.12
CA PHE B 214 -20.93 -4.73 -6.33
C PHE B 214 -21.61 -5.19 -5.04
N GLY B 215 -21.14 -4.67 -3.90
CA GLY B 215 -21.62 -5.10 -2.60
C GLY B 215 -23.08 -4.86 -2.28
N PHE B 216 -23.74 -4.01 -3.06
CA PHE B 216 -25.14 -3.64 -2.82
C PHE B 216 -26.11 -4.26 -3.83
N CYS B 217 -25.64 -5.21 -4.62
CA CYS B 217 -26.46 -5.86 -5.65
C CYS B 217 -27.66 -6.63 -5.09
N ALA B 218 -28.76 -6.58 -5.83
CA ALA B 218 -29.90 -7.44 -5.58
C ALA B 218 -30.27 -8.12 -6.89
N GLN B 219 -31.05 -9.19 -6.81
CA GLN B 219 -31.50 -9.87 -8.02
C GLN B 219 -33.02 -9.95 -8.08
N VAL B 220 -33.55 -9.76 -9.29
CA VAL B 220 -34.96 -9.98 -9.58
C VAL B 220 -35.12 -11.11 -10.60
N SER B 221 -36.25 -11.78 -10.57
CA SER B 221 -36.54 -12.88 -11.50
C SER B 221 -38.02 -12.94 -11.83
N LYS B 222 -38.43 -14.02 -12.49
CA LYS B 222 -39.84 -14.25 -12.80
C LYS B 222 -40.70 -14.27 -11.55
N GLU B 223 -40.18 -14.87 -10.48
CA GLU B 223 -40.92 -14.95 -9.21
C GLU B 223 -40.80 -13.66 -8.38
N VAL B 224 -39.58 -13.13 -8.25
CA VAL B 224 -39.35 -11.86 -7.56
C VAL B 224 -39.27 -10.75 -8.60
N PRO B 225 -40.39 -10.04 -8.84
CA PRO B 225 -40.37 -9.05 -9.91
C PRO B 225 -39.59 -7.79 -9.55
N ARG B 226 -39.84 -7.23 -8.38
CA ARG B 226 -39.22 -5.98 -7.95
C ARG B 226 -38.57 -6.12 -6.58
N ARG B 227 -37.68 -5.18 -6.25
CA ARG B 227 -37.09 -5.08 -4.91
C ARG B 227 -37.78 -3.96 -4.13
N LYS B 228 -37.66 -4.01 -2.80
CA LYS B 228 -38.31 -3.04 -1.93
C LYS B 228 -37.35 -2.35 -0.95
N SEP B 229 -36.10 -2.81 -0.94
CA SEP B 229 -35.11 -2.34 0.03
CB SEP B 229 -33.90 -3.28 0.05
OG SEP B 229 -34.31 -4.62 0.28
C SEP B 229 -34.61 -0.97 -0.28
O SEP B 229 -34.39 -0.62 -1.44
P SEP B 229 -33.80 -5.81 -0.67
O1P SEP B 229 -34.26 -7.05 0.06
O2P SEP B 229 -34.51 -5.56 -1.97
O3P SEP B 229 -32.30 -5.64 -0.73
N LEU B 230 -34.40 -0.18 0.76
CA LEU B 230 -33.80 1.15 0.64
C LEU B 230 -32.28 1.01 0.63
N VAL B 231 -31.72 0.93 -0.57
CA VAL B 231 -30.28 0.71 -0.75
C VAL B 231 -29.72 1.66 -1.80
N GLY B 232 -28.56 2.26 -1.49
CA GLY B 232 -27.87 3.15 -2.42
C GLY B 232 -27.33 4.42 -1.76
N THR B 233 -26.79 5.32 -2.57
CA THR B 233 -26.31 6.61 -2.07
C THR B 233 -27.33 7.72 -2.37
N PRO B 234 -27.82 8.40 -1.31
CA PRO B 234 -28.90 9.40 -1.33
C PRO B 234 -29.02 10.24 -2.61
N TYR B 235 -27.92 10.85 -3.03
CA TYR B 235 -27.94 11.80 -4.14
C TYR B 235 -28.13 11.15 -5.52
N TRP B 236 -27.83 9.86 -5.61
CA TRP B 236 -27.96 9.13 -6.87
C TRP B 236 -29.21 8.28 -6.91
N MET B 237 -29.92 8.20 -5.78
CA MET B 237 -31.09 7.34 -5.65
C MET B 237 -32.23 7.74 -6.58
N ALA B 238 -32.88 6.73 -7.16
CA ALA B 238 -34.06 6.94 -8.00
C ALA B 238 -35.28 7.31 -7.15
N PRO B 239 -36.15 8.20 -7.68
CA PRO B 239 -37.34 8.68 -6.95
C PRO B 239 -38.30 7.59 -6.47
N GLU B 240 -38.48 6.53 -7.28
CA GLU B 240 -39.34 5.40 -6.88
C GLU B 240 -38.73 4.60 -5.73
N LEU B 241 -37.39 4.52 -5.72
CA LEU B 241 -36.65 3.88 -4.65
C LEU B 241 -36.77 4.68 -3.36
N ILE B 242 -36.72 6.00 -3.47
CA ILE B 242 -36.85 6.90 -2.33
C ILE B 242 -38.28 6.85 -1.75
N SER B 243 -39.27 6.73 -2.63
CA SER B 243 -40.67 6.64 -2.23
C SER B 243 -41.01 5.28 -1.62
N ARG B 244 -40.03 4.37 -1.61
CA ARG B 244 -40.16 3.00 -1.10
C ARG B 244 -41.20 2.17 -1.86
N LEU B 245 -41.28 2.42 -3.17
CA LEU B 245 -42.13 1.65 -4.07
C LEU B 245 -41.29 0.52 -4.67
N PRO B 246 -41.94 -0.59 -5.06
CA PRO B 246 -41.23 -1.70 -5.70
C PRO B 246 -40.51 -1.24 -6.97
N TYR B 247 -39.25 -1.61 -7.10
CA TYR B 247 -38.40 -1.13 -8.20
C TYR B 247 -37.59 -2.25 -8.85
N GLY B 248 -37.12 -1.99 -10.06
CA GLY B 248 -36.27 -2.93 -10.79
C GLY B 248 -34.96 -2.30 -11.22
N PRO B 249 -34.32 -2.89 -12.25
CA PRO B 249 -33.03 -2.43 -12.80
C PRO B 249 -33.04 -0.96 -13.26
N GLU B 250 -34.22 -0.38 -13.41
CA GLU B 250 -34.38 0.99 -13.89
C GLU B 250 -33.76 2.04 -12.96
N VAL B 251 -33.56 1.67 -11.69
CA VAL B 251 -32.96 2.58 -10.70
C VAL B 251 -31.49 2.86 -10.98
N ASP B 252 -30.81 1.90 -11.62
CA ASP B 252 -29.42 2.07 -12.07
C ASP B 252 -29.35 3.09 -13.20
N ILE B 253 -30.37 3.07 -14.07
CA ILE B 253 -30.43 3.96 -15.22
C ILE B 253 -30.59 5.42 -14.77
N TRP B 254 -31.42 5.65 -13.75
CA TRP B 254 -31.56 6.96 -13.15
C TRP B 254 -30.28 7.42 -12.53
N SER B 255 -29.61 6.50 -11.83
CA SER B 255 -28.35 6.79 -11.16
C SER B 255 -27.25 7.19 -12.13
N LEU B 256 -27.22 6.51 -13.28
CA LEU B 256 -26.28 6.83 -14.35
C LEU B 256 -26.50 8.25 -14.86
N GLY B 257 -27.77 8.65 -14.93
CA GLY B 257 -28.14 10.00 -15.33
C GLY B 257 -27.61 11.05 -14.38
N ILE B 258 -27.63 10.73 -13.08
CA ILE B 258 -27.05 11.58 -12.05
C ILE B 258 -25.53 11.62 -12.17
N MET B 259 -24.93 10.52 -12.61
CA MET B 259 -23.50 10.47 -12.88
C MET B 259 -23.13 11.28 -14.12
N VAL B 260 -24.03 11.35 -15.09
CA VAL B 260 -23.83 12.21 -16.26
C VAL B 260 -23.77 13.67 -15.82
N ILE B 261 -24.67 14.06 -14.91
CA ILE B 261 -24.66 15.40 -14.33
C ILE B 261 -23.36 15.65 -13.55
N GLU B 262 -22.86 14.60 -12.91
CA GLU B 262 -21.53 14.65 -12.27
C GLU B 262 -20.46 14.99 -13.30
N MET B 263 -20.46 14.27 -14.41
CA MET B 263 -19.43 14.45 -15.44
C MET B 263 -19.48 15.80 -16.15
N VAL B 264 -20.66 16.41 -16.16
CA VAL B 264 -20.86 17.70 -16.81
C VAL B 264 -20.68 18.86 -15.83
N ASP B 265 -21.38 18.80 -14.69
CA ASP B 265 -21.40 19.91 -13.73
C ASP B 265 -20.43 19.74 -12.56
N GLY B 266 -19.96 18.52 -12.32
CA GLY B 266 -19.01 18.24 -11.26
C GLY B 266 -19.62 17.66 -9.99
N GLU B 267 -20.90 17.93 -9.78
CA GLU B 267 -21.64 17.49 -8.61
C GLU B 267 -23.01 16.93 -8.98
N PRO B 268 -23.55 16.00 -8.16
CA PRO B 268 -24.94 15.62 -8.29
C PRO B 268 -25.85 16.77 -7.86
N PRO B 269 -27.13 16.77 -8.32
CA PRO B 269 -28.08 17.78 -7.85
C PRO B 269 -28.29 17.72 -6.34
N TYR B 270 -28.50 18.89 -5.73
CA TYR B 270 -28.73 19.02 -4.28
C TYR B 270 -27.58 18.50 -3.41
N PHE B 271 -26.37 18.55 -3.96
CA PHE B 271 -25.18 18.02 -3.28
C PHE B 271 -24.81 18.79 -2.02
N ASN B 272 -25.12 20.09 -2.00
CA ASN B 272 -24.89 20.94 -0.83
C ASN B 272 -25.84 20.63 0.32
N GLU B 273 -27.05 20.19 -0.03
CA GLU B 273 -28.08 19.82 0.95
C GLU B 273 -27.70 18.55 1.72
N PRO B 274 -28.17 18.42 2.98
CA PRO B 274 -27.98 17.17 3.73
C PRO B 274 -28.66 15.98 3.05
N PRO B 275 -28.08 14.75 3.21
CA PRO B 275 -28.56 13.55 2.52
C PRO B 275 -30.08 13.33 2.64
N LEU B 276 -30.60 13.40 3.87
CA LEU B 276 -32.01 13.15 4.14
C LEU B 276 -32.92 14.17 3.46
N LYS B 277 -32.53 15.44 3.53
CA LYS B 277 -33.31 16.53 2.92
C LYS B 277 -33.23 16.50 1.39
N ALA B 278 -32.06 16.15 0.87
CA ALA B 278 -31.86 16.06 -0.58
C ALA B 278 -32.73 14.96 -1.21
N MET B 279 -32.89 13.85 -0.48
CA MET B 279 -33.71 12.73 -0.94
C MET B 279 -35.18 13.13 -1.10
N LYS B 280 -35.67 13.93 -0.14
CA LYS B 280 -37.05 14.43 -0.16
C LYS B 280 -37.27 15.37 -1.35
N MET B 281 -36.21 16.05 -1.76
CA MET B 281 -36.24 16.94 -2.93
C MET B 281 -36.28 16.17 -4.24
N ILE B 282 -35.52 15.07 -4.31
CA ILE B 282 -35.53 14.19 -5.48
C ILE B 282 -36.90 13.50 -5.60
N ARG B 283 -37.50 13.21 -4.45
CA ARG B 283 -38.80 12.55 -4.38
C ARG B 283 -39.93 13.42 -4.93
N ASP B 284 -39.91 14.71 -4.63
CA ASP B 284 -41.04 15.60 -4.91
C ASP B 284 -40.92 16.44 -6.18
N ASN B 285 -39.68 16.75 -6.58
CA ASN B 285 -39.44 17.65 -7.72
C ASN B 285 -39.40 16.94 -9.06
N LEU B 286 -39.49 17.74 -10.13
CA LEU B 286 -39.33 17.25 -11.50
C LEU B 286 -37.88 16.81 -11.73
N PRO B 287 -37.64 16.01 -12.80
CA PRO B 287 -36.28 15.58 -13.11
C PRO B 287 -35.28 16.73 -13.16
N PRO B 288 -34.08 16.53 -12.60
CA PRO B 288 -33.06 17.58 -12.58
C PRO B 288 -32.47 17.83 -13.97
N ARG B 289 -32.09 19.08 -14.22
CA ARG B 289 -31.53 19.49 -15.51
C ARG B 289 -30.05 19.86 -15.38
N LEU B 290 -29.37 19.93 -16.52
CA LEU B 290 -28.00 20.44 -16.56
C LEU B 290 -28.00 21.95 -16.32
N LYS B 291 -26.87 22.46 -15.84
CA LYS B 291 -26.76 23.86 -15.47
C LYS B 291 -26.94 24.78 -16.69
N ASN B 292 -26.19 24.51 -17.75
CA ASN B 292 -26.25 25.30 -18.98
CA ASN B 292 -26.26 25.30 -18.98
C ASN B 292 -26.24 24.44 -20.23
N LEU B 293 -27.42 24.32 -20.87
CA LEU B 293 -27.59 23.51 -22.07
C LEU B 293 -26.98 24.15 -23.33
N HIS B 294 -26.43 25.36 -23.14
CA HIS B 294 -25.87 26.14 -24.25
CA HIS B 294 -25.86 26.16 -24.24
C HIS B 294 -24.76 25.43 -24.97
N LYS B 295 -23.87 24.77 -24.21
CA LYS B 295 -22.69 24.10 -24.77
C LYS B 295 -22.85 22.58 -24.91
N VAL B 296 -24.03 22.07 -24.57
CA VAL B 296 -24.31 20.64 -24.62
C VAL B 296 -24.94 20.25 -25.95
N SER B 297 -24.41 19.20 -26.58
CA SER B 297 -24.91 18.72 -27.87
C SER B 297 -26.25 18.01 -27.71
N PRO B 298 -27.13 18.12 -28.73
CA PRO B 298 -28.42 17.42 -28.78
C PRO B 298 -28.36 15.91 -28.51
N SER B 299 -27.25 15.28 -28.91
CA SER B 299 -27.01 13.87 -28.60
C SER B 299 -27.02 13.62 -27.10
N LEU B 300 -26.30 14.47 -26.37
CA LEU B 300 -26.18 14.33 -24.94
C LEU B 300 -27.51 14.64 -24.25
N LYS B 301 -28.16 15.73 -24.67
CA LYS B 301 -29.47 16.12 -24.14
C LYS B 301 -30.48 14.99 -24.32
N GLY B 302 -30.58 14.49 -25.55
CA GLY B 302 -31.48 13.39 -25.87
C GLY B 302 -31.19 12.16 -25.04
N PHE B 303 -29.90 11.85 -24.91
CA PHE B 303 -29.42 10.73 -24.11
C PHE B 303 -29.82 10.85 -22.65
N LEU B 304 -29.56 12.01 -22.07
CA LEU B 304 -29.89 12.27 -20.67
C LEU B 304 -31.40 12.24 -20.42
N ASP B 305 -32.16 12.72 -21.40
CA ASP B 305 -33.63 12.71 -21.34
C ASP B 305 -34.22 11.30 -21.25
N ARG B 306 -33.46 10.31 -21.69
CA ARG B 306 -33.89 8.92 -21.63
C ARG B 306 -33.52 8.25 -20.29
N LEU B 307 -32.58 8.86 -19.57
CA LEU B 307 -32.14 8.35 -18.27
C LEU B 307 -32.96 8.94 -17.12
N LEU B 308 -33.16 10.26 -17.16
CA LEU B 308 -33.79 10.97 -16.05
C LEU B 308 -35.30 11.12 -16.21
N VAL B 309 -35.99 10.01 -16.44
CA VAL B 309 -37.45 9.99 -16.52
C VAL B 309 -37.97 9.51 -15.17
N ARG B 310 -38.88 10.27 -14.58
CA ARG B 310 -39.46 9.96 -13.27
C ARG B 310 -40.16 8.60 -13.25
N ASP B 311 -40.99 8.34 -14.25
CA ASP B 311 -41.68 7.05 -14.39
C ASP B 311 -40.69 6.01 -14.95
N PRO B 312 -40.38 4.98 -14.14
CA PRO B 312 -39.39 3.96 -14.54
C PRO B 312 -39.79 3.16 -15.77
N ALA B 313 -41.09 3.10 -16.06
CA ALA B 313 -41.61 2.40 -17.23
C ALA B 313 -41.28 3.14 -18.53
N GLN B 314 -41.18 4.47 -18.45
CA GLN B 314 -40.87 5.30 -19.61
C GLN B 314 -39.36 5.46 -19.78
N ARG B 315 -38.64 5.20 -18.70
CA ARG B 315 -37.18 5.23 -18.69
C ARG B 315 -36.62 4.19 -19.65
N ALA B 316 -35.49 4.51 -20.29
CA ALA B 316 -34.85 3.61 -21.23
C ALA B 316 -34.11 2.50 -20.51
N THR B 317 -34.00 1.34 -21.16
CA THR B 317 -33.21 0.22 -20.64
C THR B 317 -31.76 0.33 -21.12
N ALA B 318 -30.88 -0.41 -20.48
CA ALA B 318 -29.47 -0.48 -20.86
C ALA B 318 -29.30 -0.97 -22.30
N ALA B 319 -30.06 -2.00 -22.67
CA ALA B 319 -30.03 -2.58 -24.01
C ALA B 319 -30.42 -1.56 -25.08
N GLU B 320 -31.42 -0.74 -24.79
CA GLU B 320 -31.87 0.30 -25.70
C GLU B 320 -30.84 1.43 -25.80
N LEU B 321 -30.28 1.81 -24.66
CA LEU B 321 -29.30 2.90 -24.58
C LEU B 321 -27.99 2.61 -25.32
N LEU B 322 -27.59 1.35 -25.39
CA LEU B 322 -26.40 0.95 -26.14
C LEU B 322 -26.53 1.29 -27.63
N LYS B 323 -27.77 1.47 -28.09
CA LYS B 323 -28.03 1.81 -29.48
C LYS B 323 -28.12 3.33 -29.72
N HIS B 324 -28.11 4.10 -28.64
CA HIS B 324 -28.24 5.57 -28.74
C HIS B 324 -27.09 6.20 -29.47
N PRO B 325 -27.38 7.12 -30.42
CA PRO B 325 -26.36 7.79 -31.23
C PRO B 325 -25.24 8.47 -30.44
N PHE B 326 -25.57 8.99 -29.25
CA PHE B 326 -24.58 9.69 -28.41
C PHE B 326 -23.34 8.86 -28.11
N LEU B 327 -23.53 7.54 -27.96
CA LEU B 327 -22.44 6.64 -27.60
C LEU B 327 -21.45 6.38 -28.73
N ALA B 328 -21.77 6.82 -29.95
CA ALA B 328 -20.86 6.67 -31.08
C ALA B 328 -19.74 7.71 -31.05
N LYS B 329 -19.95 8.74 -30.23
CA LYS B 329 -18.93 9.77 -29.99
C LYS B 329 -17.78 9.25 -29.11
N ALA B 330 -18.03 8.14 -28.41
CA ALA B 330 -17.07 7.57 -27.45
C ALA B 330 -15.66 7.46 -28.00
N GLY B 331 -14.72 8.12 -27.34
CA GLY B 331 -13.32 8.09 -27.74
C GLY B 331 -12.61 6.82 -27.32
N PRO B 332 -11.38 6.60 -27.83
CA PRO B 332 -10.56 5.47 -27.40
C PRO B 332 -10.13 5.60 -25.94
N PRO B 333 -9.66 4.49 -25.33
CA PRO B 333 -9.08 4.57 -23.99
C PRO B 333 -8.03 5.69 -23.88
N ALA B 334 -7.21 5.85 -24.92
CA ALA B 334 -6.18 6.90 -24.98
C ALA B 334 -6.69 8.30 -24.69
N SER B 335 -7.94 8.58 -25.06
CA SER B 335 -8.52 9.92 -24.89
C SER B 335 -8.92 10.21 -23.44
N ILE B 336 -9.00 9.16 -22.62
CA ILE B 336 -9.33 9.28 -21.21
C ILE B 336 -8.08 9.59 -20.39
N VAL B 337 -6.93 9.14 -20.91
CA VAL B 337 -5.65 9.26 -20.21
C VAL B 337 -5.28 10.68 -19.73
N PRO B 338 -5.40 11.72 -20.59
CA PRO B 338 -5.04 13.06 -20.11
C PRO B 338 -5.79 13.53 -18.86
N LEU B 339 -6.97 12.98 -18.63
CA LEU B 339 -7.83 13.38 -17.51
C LEU B 339 -7.33 12.95 -16.13
N MET B 340 -6.51 11.90 -16.10
CA MET B 340 -6.11 11.27 -14.83
C MET B 340 -5.08 12.05 -14.03
N ARG B 341 -4.99 11.74 -12.74
CA ARG B 341 -4.17 12.48 -11.76
C ARG B 341 -2.74 12.78 -12.23
N GLN B 342 -2.04 11.75 -12.70
CA GLN B 342 -0.65 11.89 -13.15
C GLN B 342 -0.47 12.93 -14.26
N ASN B 343 -1.51 13.09 -15.08
CA ASN B 343 -1.42 13.86 -16.31
C ASN B 343 -2.03 15.26 -16.25
N ARG B 344 -2.61 15.61 -15.10
CA ARG B 344 -3.24 16.91 -14.92
C ARG B 344 -2.22 18.02 -14.61
N ARG C 1 33.06 1.26 0.16
CA ARG C 1 32.22 0.31 0.97
C ARG C 1 31.44 -0.64 0.06
N PRO C 2 31.41 -1.95 0.41
CA PRO C 2 30.72 -2.96 -0.41
C PRO C 2 29.24 -2.67 -0.59
N LYS C 3 28.70 -3.08 -1.74
CA LYS C 3 27.29 -2.83 -2.06
C LYS C 3 26.43 -4.07 -1.84
N PRO C 4 25.13 -3.88 -1.51
CA PRO C 4 24.25 -5.02 -1.21
C PRO C 4 23.86 -5.83 -2.44
N LEU C 5 23.45 -7.07 -2.21
CA LEU C 5 23.09 -8.00 -3.27
C LEU C 5 21.60 -8.38 -3.18
N VAL C 6 20.93 -8.33 -4.33
CA VAL C 6 19.51 -8.72 -4.43
C VAL C 6 19.37 -9.84 -5.47
N ASP C 7 18.25 -10.57 -5.42
CA ASP C 7 17.97 -11.72 -6.30
C ASP C 7 18.88 -12.90 -6.00
N ARG D 1 -16.69 12.46 0.72
CA ARG D 1 -17.74 11.87 -0.18
C ARG D 1 -18.91 11.30 0.64
N PRO D 2 -20.15 11.41 0.10
CA PRO D 2 -21.35 10.93 0.79
C PRO D 2 -21.33 9.43 1.06
N LYS D 3 -22.07 9.01 2.09
CA LYS D 3 -22.12 7.59 2.48
C LYS D 3 -23.39 6.92 1.97
N PRO D 4 -23.31 5.61 1.64
CA PRO D 4 -24.50 4.87 1.20
C PRO D 4 -25.47 4.59 2.36
N LEU D 5 -26.73 4.36 2.01
CA LEU D 5 -27.78 4.10 2.99
C LEU D 5 -28.35 2.70 2.83
N VAL D 6 -28.49 1.99 3.94
CA VAL D 6 -29.08 0.64 3.97
C VAL D 6 -30.27 0.63 4.94
N ASP D 7 -31.16 -0.36 4.80
CA ASP D 7 -32.40 -0.45 5.59
C ASP D 7 -33.38 0.66 5.22
PG ANP E . 18.61 0.89 2.12
O1G ANP E . 17.32 1.34 2.67
O2G ANP E . 19.17 -0.33 3.00
O3G ANP E . 18.40 0.40 0.59
PB ANP E . 20.78 2.56 0.78
O1B ANP E . 21.96 1.66 0.78
O2B ANP E . 19.94 2.33 -0.57
N3B ANP E . 19.76 2.21 2.16
PA ANP E . 21.90 4.75 2.17
O1A ANP E . 20.86 5.66 2.79
O2A ANP E . 22.49 3.63 3.01
O3A ANP E . 21.29 4.09 0.83
O5' ANP E . 23.14 5.64 1.65
C5' ANP E . 23.08 7.07 1.64
C4' ANP E . 24.18 7.66 2.52
O4' ANP E . 23.66 8.72 3.33
C3' ANP E . 24.73 6.62 3.47
O3' ANP E . 26.16 6.77 3.51
C2' ANP E . 24.13 6.96 4.83
O2' ANP E . 25.06 6.76 5.90
C1' ANP E . 23.72 8.42 4.73
N9 ANP E . 22.40 8.68 5.37
C8 ANP E . 21.26 7.97 5.18
N7 ANP E . 20.23 8.47 5.92
C5 ANP E . 20.70 9.52 6.61
C6 ANP E . 20.15 10.50 7.58
N6 ANP E . 18.86 10.45 7.98
N1 ANP E . 20.99 11.45 8.08
C2 ANP E . 22.29 11.51 7.70
N3 ANP E . 22.85 10.66 6.82
C4 ANP E . 22.13 9.65 6.26
PG ANP F . -19.42 -1.44 -2.03
O1G ANP F . -19.98 -1.66 -0.68
O2G ANP F . -19.16 -2.85 -2.76
O3G ANP F . -20.46 -0.56 -2.90
PB ANP F . -17.54 0.44 -0.50
O1B ANP F . -18.21 1.75 -0.62
O2B ANP F . -18.08 -0.30 0.82
N3B ANP F . -17.91 -0.55 -1.90
PA ANP F . -15.09 1.07 -1.70
O1A ANP F . -14.37 -0.16 -2.22
O2A ANP F . -15.99 1.86 -2.62
O3A ANP F . -15.95 0.65 -0.41
O5' ANP F . -13.99 2.10 -1.12
C5' ANP F . -12.61 1.77 -1.06
C4' ANP F . -11.73 2.69 -1.91
O4' ANP F . -10.72 1.92 -2.59
C3' ANP F . -12.49 3.45 -3.00
O3' ANP F . -12.13 4.84 -2.93
C2' ANP F . -12.06 2.84 -4.31
O2' ANP F . -11.87 3.84 -5.33
C1' ANP F . -10.76 2.12 -4.01
N9 ANP F . -10.68 0.83 -4.74
C8 ANP F . -11.53 -0.22 -4.63
N7 ANP F . -11.17 -1.24 -5.45
C5 ANP F . -10.06 -0.86 -6.11
C6 ANP F . -9.17 -1.45 -7.13
N6 ANP F . -9.38 -2.69 -7.62
N1 ANP F . -8.11 -0.71 -7.57
C2 ANP F . -7.89 0.54 -7.09
N3 ANP F . -8.66 1.14 -6.17
C4 ANP F . -9.74 0.51 -5.64
#